data_2YK6
#
_entry.id   2YK6
#
_cell.length_a   86.099
_cell.length_b   123.510
_cell.length_c   41.652
_cell.angle_alpha   90.00
_cell.angle_beta   90.00
_cell.angle_gamma   90.00
#
_symmetry.space_group_name_H-M   'P 21 21 2'
#
loop_
_entity.id
_entity.type
_entity.pdbx_description
1 polymer CMP-N-ACETYLNEURAMINATE-BETA-GALACTOSAMIDE-ALPHA-2,3-SIALYLTRANSFERASE
2 non-polymer "CYTIDINE-5'-DIPHOSPHATE"
3 non-polymer 'PENTAETHYLENE GLYCOL'
4 non-polymer 'SULFATE ION'
5 water water
#
_entity_poly.entity_id   1
_entity_poly.type   'polypeptide(L)'
_entity_poly.pdbx_seq_one_letter_code
;PVNLIFCYTILQMKVAERIMAQHPGERFYVVLMSENRNEKYDYYFNQIKDKAEWAYFFHLPYGLNKSFNFIPTMAELKVK
AMLLPKVKRIYLASLEKVSIAAFLSTYPDAEIKTFDDGTINLIQSSSYLGDEFSVNGTIKRNFARMMIGDWSIAKTRNAS
DEHYTIFKGLKNIMDDGRRKMTYLPLFDASELKAGDETGGTVRILLGSPDKEMKEISEKAAKNFNIQYVAPHPRQTYGLS
GVTTLNSPYVIEDYILREIKKNPHTRYEIYTFFSGAALTMKDFPNVHVYALKPASLPEDYWLKPVYALFTQSGIPILTFD
DKLVPR
;
_entity_poly.pdbx_strand_id   A
#
# COMPACT_ATOMS: atom_id res chain seq x y z
N PRO A 1 -11.79 9.77 -22.36
CA PRO A 1 -10.39 10.11 -22.78
C PRO A 1 -10.07 11.59 -22.54
N VAL A 2 -9.05 11.84 -21.72
CA VAL A 2 -8.84 13.16 -21.14
C VAL A 2 -7.47 13.73 -21.48
N ASN A 3 -7.31 15.04 -21.23
CA ASN A 3 -6.02 15.72 -21.27
C ASN A 3 -5.69 16.18 -19.87
N LEU A 4 -4.41 16.09 -19.51
CA LEU A 4 -3.97 16.68 -18.24
C LEU A 4 -3.17 17.96 -18.49
N ILE A 5 -3.25 18.89 -17.53
CA ILE A 5 -2.36 20.02 -17.48
C ILE A 5 -1.86 20.19 -16.06
N PHE A 6 -0.55 20.31 -15.91
CA PHE A 6 0.07 20.56 -14.63
C PHE A 6 0.68 21.95 -14.53
N CYS A 7 0.39 22.64 -13.42
CA CYS A 7 0.89 23.97 -13.19
C CYS A 7 1.53 24.13 -11.84
N TYR A 8 2.41 25.11 -11.75
CA TYR A 8 2.90 25.53 -10.46
C TYR A 8 3.07 27.05 -10.31
N THR A 9 2.47 27.85 -11.19
CA THR A 9 2.52 29.30 -11.05
C THR A 9 1.27 29.93 -11.68
N ILE A 10 1.02 31.19 -11.32
CA ILE A 10 -0.16 31.84 -11.83
C ILE A 10 -0.05 31.93 -13.34
N LEU A 11 1.11 32.33 -13.86
CA LEU A 11 1.18 32.52 -15.32
C LEU A 11 1.01 31.22 -16.09
N GLN A 12 1.54 30.13 -15.54
CA GLN A 12 1.27 28.81 -16.11
C GLN A 12 -0.24 28.46 -16.13
N MET A 13 -0.97 28.82 -15.06
CA MET A 13 -2.43 28.72 -15.06
C MET A 13 -3.10 29.54 -16.19
N LYS A 14 -2.71 30.80 -16.36
CA LYS A 14 -3.18 31.54 -17.56
C LYS A 14 -2.89 30.75 -18.84
N VAL A 15 -1.74 30.08 -18.94
CA VAL A 15 -1.45 29.27 -20.15
C VAL A 15 -2.44 28.09 -20.24
N ALA A 16 -2.67 27.43 -19.12
CA ALA A 16 -3.65 26.35 -19.07
C ALA A 16 -5.01 26.82 -19.61
N GLU A 17 -5.38 28.06 -19.27
CA GLU A 17 -6.65 28.62 -19.70
C GLU A 17 -6.70 28.90 -21.17
N ARG A 18 -5.57 29.30 -21.75
CA ARG A 18 -5.48 29.51 -23.17
C ARG A 18 -5.56 28.19 -23.89
N ILE A 19 -4.86 27.18 -23.38
CA ILE A 19 -4.86 25.86 -23.99
C ILE A 19 -6.26 25.26 -24.02
N MET A 20 -7.00 25.42 -22.92
CA MET A 20 -8.35 24.86 -22.84
C MET A 20 -9.29 25.64 -23.75
N ALA A 21 -9.21 26.96 -23.72
CA ALA A 21 -10.11 27.76 -24.52
C ALA A 21 -9.87 27.46 -26.01
N GLN A 22 -8.70 26.90 -26.33
CA GLN A 22 -8.41 26.45 -27.69
C GLN A 22 -8.85 25.04 -28.00
N HIS A 23 -9.18 24.24 -26.99
CA HIS A 23 -9.77 22.93 -27.24
C HIS A 23 -11.17 22.78 -26.60
N PRO A 24 -12.16 23.58 -27.08
CA PRO A 24 -13.47 23.66 -26.43
C PRO A 24 -14.12 22.29 -26.34
N GLY A 25 -13.79 21.43 -27.30
CA GLY A 25 -14.40 20.14 -27.38
C GLY A 25 -13.70 19.05 -26.59
N GLU A 26 -12.64 19.41 -25.86
CA GLU A 26 -11.86 18.41 -25.15
C GLU A 26 -12.14 18.47 -23.66
N ARG A 27 -11.90 17.36 -22.95
CA ARG A 27 -12.00 17.34 -21.49
C ARG A 27 -10.63 17.50 -20.81
N PHE A 28 -10.59 18.33 -19.76
CA PHE A 28 -9.36 18.68 -19.04
C PHE A 28 -9.43 18.44 -17.54
N TYR A 29 -8.44 17.76 -16.99
CA TYR A 29 -8.21 17.80 -15.57
C TYR A 29 -6.97 18.62 -15.34
N VAL A 30 -7.05 19.55 -14.39
CA VAL A 30 -5.99 20.53 -14.19
C VAL A 30 -5.53 20.54 -12.74
N VAL A 31 -4.23 20.30 -12.52
CA VAL A 31 -3.65 20.27 -11.19
C VAL A 31 -2.73 21.46 -10.99
N LEU A 32 -2.97 22.29 -9.99
CA LEU A 32 -1.98 23.28 -9.61
C LEU A 32 -1.20 22.78 -8.39
N MET A 33 0.12 22.82 -8.44
CA MET A 33 0.90 22.42 -7.28
C MET A 33 1.74 23.60 -6.88
N SER A 34 1.51 24.21 -5.72
CA SER A 34 2.21 25.45 -5.34
C SER A 34 2.53 25.57 -3.85
N GLU A 35 3.68 26.17 -3.52
CA GLU A 35 3.98 26.41 -2.09
C GLU A 35 3.24 27.61 -1.50
N ASN A 36 2.82 28.54 -2.36
CA ASN A 36 2.16 29.77 -1.93
C ASN A 36 0.67 29.60 -2.11
N ARG A 37 -0.13 30.12 -1.20
CA ARG A 37 -1.58 30.27 -1.42
C ARG A 37 -1.97 31.68 -0.96
N ASN A 38 -2.83 32.34 -1.74
CA ASN A 38 -3.35 33.65 -1.40
C ASN A 38 -4.44 34.09 -2.39
N GLU A 39 -4.99 35.27 -2.13
CA GLU A 39 -6.06 35.83 -2.95
C GLU A 39 -5.72 35.72 -4.44
N LYS A 40 -4.52 36.16 -4.81
CA LYS A 40 -4.02 36.09 -6.19
C LYS A 40 -4.02 34.69 -6.77
N TYR A 41 -3.44 33.73 -6.05
CA TYR A 41 -3.40 32.37 -6.56
C TYR A 41 -4.80 31.76 -6.74
N ASP A 42 -5.59 31.78 -5.66
CA ASP A 42 -6.95 31.25 -5.71
C ASP A 42 -7.71 31.86 -6.88
N TYR A 43 -7.52 33.14 -7.12
CA TYR A 43 -8.37 33.73 -8.12
C TYR A 43 -8.13 33.05 -9.45
N TYR A 44 -6.89 32.71 -9.71
CA TYR A 44 -6.62 32.15 -11.01
C TYR A 44 -6.86 30.65 -11.01
N PHE A 45 -6.73 30.01 -9.84
CA PHE A 45 -7.14 28.62 -9.71
C PHE A 45 -8.64 28.46 -9.95
N ASN A 46 -9.44 29.30 -9.27
CA ASN A 46 -10.87 29.26 -9.45
C ASN A 46 -11.30 29.59 -10.88
N GLN A 47 -10.52 30.39 -11.62
CA GLN A 47 -10.82 30.65 -13.04
C GLN A 47 -10.71 29.36 -13.79
N ILE A 48 -9.73 28.53 -13.41
CA ILE A 48 -9.48 27.25 -14.10
C ILE A 48 -10.46 26.15 -13.71
N LYS A 49 -10.72 26.02 -12.41
CA LYS A 49 -11.82 25.22 -11.91
C LYS A 49 -13.15 25.52 -12.61
N ASP A 50 -13.35 26.73 -13.14
CA ASP A 50 -14.60 27.01 -13.87
C ASP A 50 -14.57 26.53 -15.31
N LYS A 51 -13.44 26.09 -15.82
CA LYS A 51 -13.39 25.67 -17.22
C LYS A 51 -13.03 24.22 -17.36
N ALA A 52 -12.36 23.70 -16.34
CA ALA A 52 -11.84 22.36 -16.38
C ALA A 52 -12.92 21.39 -15.91
N GLU A 53 -12.91 20.18 -16.46
CA GLU A 53 -13.80 19.13 -15.99
C GLU A 53 -13.49 18.76 -14.53
N TRP A 54 -12.27 19.04 -14.11
CA TRP A 54 -11.82 18.69 -12.77
C TRP A 54 -10.54 19.46 -12.49
N ALA A 55 -10.35 19.85 -11.24
CA ALA A 55 -9.20 20.66 -10.86
C ALA A 55 -8.81 20.45 -9.41
N TYR A 56 -7.52 20.31 -9.13
CA TYR A 56 -7.11 20.13 -7.77
C TYR A 56 -5.88 20.95 -7.52
N PHE A 57 -5.81 21.52 -6.33
CA PHE A 57 -4.76 22.42 -5.90
C PHE A 57 -3.99 21.83 -4.69
N PHE A 58 -2.91 21.08 -4.95
CA PHE A 58 -2.02 20.57 -3.89
C PHE A 58 -1.30 21.74 -3.26
N HIS A 59 -1.54 22.01 -1.98
CA HIS A 59 -0.77 23.08 -1.33
C HIS A 59 0.45 22.49 -0.62
N LEU A 60 1.54 22.40 -1.36
CA LEU A 60 2.78 21.79 -0.92
C LEU A 60 3.44 22.56 0.22
N PRO A 61 4.22 21.81 1.06
CA PRO A 61 5.07 22.34 2.11
C PRO A 61 6.20 23.20 1.54
N TYR A 62 6.50 24.28 2.25
CA TYR A 62 7.50 25.26 1.83
C TYR A 62 8.84 24.57 1.51
N GLY A 63 9.47 24.99 0.42
CA GLY A 63 10.84 24.56 0.08
C GLY A 63 11.00 23.14 -0.39
N LEU A 64 9.97 22.58 -1.01
CA LEU A 64 10.08 21.25 -1.59
C LEU A 64 10.76 21.30 -2.98
N ASN A 65 10.61 22.44 -3.64
CA ASN A 65 11.16 22.69 -4.97
C ASN A 65 12.53 23.34 -4.77
N LYS A 66 13.62 22.68 -5.19
CA LYS A 66 14.94 23.35 -5.19
C LYS A 66 15.33 24.11 -6.48
N SER A 67 14.45 24.10 -7.49
CA SER A 67 14.65 24.95 -8.66
C SER A 67 13.72 26.18 -8.71
N PHE A 68 13.80 26.91 -9.81
CA PHE A 68 13.14 28.18 -9.92
C PHE A 68 12.44 28.32 -11.28
N ASN A 69 11.23 28.85 -11.29
CA ASN A 69 10.60 29.20 -12.57
C ASN A 69 11.04 30.56 -13.07
N PHE A 70 11.62 31.36 -12.20
CA PHE A 70 12.06 32.69 -12.57
C PHE A 70 13.55 32.65 -12.51
N ILE A 71 14.21 33.73 -12.94
CA ILE A 71 15.65 33.79 -12.81
C ILE A 71 15.98 34.31 -11.37
N PRO A 72 16.68 33.50 -10.56
CA PRO A 72 16.77 33.95 -9.20
C PRO A 72 17.90 34.97 -8.97
N THR A 73 17.76 35.70 -7.89
CA THR A 73 18.70 36.68 -7.46
C THR A 73 19.62 35.97 -6.49
N MET A 74 20.76 36.58 -6.17
CA MET A 74 21.67 36.12 -5.10
C MET A 74 20.90 35.88 -3.79
N ALA A 75 19.93 36.73 -3.49
CA ALA A 75 19.09 36.53 -2.32
C ALA A 75 18.32 35.24 -2.45
N GLU A 76 17.69 35.05 -3.63
CA GLU A 76 16.78 33.92 -3.82
C GLU A 76 17.53 32.60 -3.89
N LEU A 77 18.74 32.63 -4.44
CA LEU A 77 19.68 31.54 -4.35
C LEU A 77 20.10 31.23 -2.90
N LYS A 78 20.62 32.20 -2.15
CA LYS A 78 21.02 31.96 -0.75
C LYS A 78 19.91 31.43 0.15
N VAL A 79 18.73 32.04 0.13
CA VAL A 79 17.63 31.51 0.96
C VAL A 79 17.33 30.02 0.67
N LYS A 80 16.99 29.67 -0.57
CA LYS A 80 16.81 28.27 -0.92
C LYS A 80 18.01 27.40 -0.52
N ALA A 81 19.22 27.88 -0.75
CA ALA A 81 20.46 27.12 -0.38
C ALA A 81 20.41 26.70 1.07
N MET A 82 20.18 27.68 1.94
CA MET A 82 20.37 27.43 3.35
C MET A 82 19.06 26.99 4.04
N LEU A 83 18.12 26.47 3.27
CA LEU A 83 16.92 25.87 3.85
C LEU A 83 16.78 24.42 3.37
N LEU A 84 17.14 24.21 2.10
CA LEU A 84 17.43 22.90 1.56
C LEU A 84 18.13 22.16 2.71
N PRO A 85 17.50 21.08 3.21
CA PRO A 85 18.07 20.37 4.37
C PRO A 85 19.36 19.70 3.95
N LYS A 86 20.22 19.36 4.92
CA LYS A 86 21.43 18.57 4.61
C LYS A 86 21.14 17.04 4.82
N VAL A 87 21.17 16.25 3.75
CA VAL A 87 20.59 14.90 3.80
C VAL A 87 21.59 13.76 3.61
N LYS A 88 21.81 12.98 4.67
CA LYS A 88 22.86 11.96 4.64
C LYS A 88 22.41 10.59 4.10
N ARG A 89 21.13 10.27 4.35
CA ARG A 89 20.55 8.96 4.11
C ARG A 89 19.05 9.08 3.92
N ILE A 90 18.48 8.21 3.08
CA ILE A 90 17.04 8.20 2.78
C ILE A 90 16.48 6.80 2.81
N TYR A 91 15.38 6.61 3.53
CA TYR A 91 14.74 5.28 3.65
C TYR A 91 13.41 5.32 2.97
N LEU A 92 13.15 4.31 2.16
CA LEU A 92 11.88 4.27 1.51
C LEU A 92 11.52 2.86 1.07
N ALA A 93 10.23 2.64 0.82
CA ALA A 93 9.75 1.38 0.29
C ALA A 93 10.43 1.14 -1.04
N SER A 94 10.69 -0.14 -1.37
CA SER A 94 11.35 -0.43 -2.65
C SER A 94 10.68 0.29 -3.84
N LEU A 95 9.38 0.08 -4.06
CA LEU A 95 8.67 0.74 -5.19
C LEU A 95 8.68 2.30 -5.18
N GLU A 96 8.96 2.90 -4.03
CA GLU A 96 9.08 4.34 -3.97
C GLU A 96 10.35 4.87 -4.62
N LYS A 97 11.32 3.99 -4.88
CA LYS A 97 12.47 4.33 -5.70
C LYS A 97 12.06 4.71 -7.14
N VAL A 98 10.91 4.21 -7.58
CA VAL A 98 10.28 4.55 -8.85
C VAL A 98 9.50 5.87 -8.79
N SER A 99 8.56 5.95 -7.87
CA SER A 99 7.66 7.09 -7.76
C SER A 99 8.29 8.30 -7.06
N ILE A 100 9.21 8.12 -6.12
CA ILE A 100 9.90 9.31 -5.64
C ILE A 100 11.32 9.43 -6.19
N ALA A 101 11.52 8.84 -7.37
CA ALA A 101 12.80 8.80 -8.08
C ALA A 101 13.38 10.16 -8.44
N ALA A 102 12.53 11.13 -8.73
CA ALA A 102 13.01 12.45 -9.16
C ALA A 102 13.54 13.26 -7.98
N PHE A 103 13.00 13.01 -6.79
CA PHE A 103 13.51 13.63 -5.57
C PHE A 103 14.84 12.94 -5.20
N LEU A 104 14.89 11.62 -5.31
CA LEU A 104 16.13 10.92 -4.98
C LEU A 104 17.32 11.49 -5.72
N SER A 105 17.14 11.81 -7.00
CA SER A 105 18.26 12.21 -7.82
C SER A 105 18.71 13.59 -7.43
N THR A 106 17.83 14.39 -6.83
CA THR A 106 18.26 15.67 -6.33
C THR A 106 19.06 15.53 -5.02
N TYR A 107 19.32 14.29 -4.61
CA TYR A 107 20.23 14.05 -3.49
C TYR A 107 21.19 12.97 -3.86
N PRO A 108 21.99 13.22 -4.90
CA PRO A 108 22.83 12.20 -5.50
C PRO A 108 23.81 11.50 -4.53
N ASP A 109 24.14 12.11 -3.39
CA ASP A 109 25.18 11.52 -2.52
C ASP A 109 24.65 10.95 -1.24
N ALA A 110 23.35 11.11 -1.05
CA ALA A 110 22.62 10.46 0.01
C ALA A 110 22.71 8.97 -0.22
N GLU A 111 23.04 8.29 0.85
CA GLU A 111 23.04 6.86 0.90
C GLU A 111 21.57 6.44 0.99
N ILE A 112 21.20 5.43 0.22
CA ILE A 112 19.81 5.00 0.14
C ILE A 112 19.61 3.59 0.69
N LYS A 113 18.49 3.40 1.40
CA LYS A 113 18.13 2.08 1.85
C LYS A 113 16.64 1.90 1.69
N THR A 114 16.22 0.68 1.37
CA THR A 114 14.80 0.40 1.15
C THR A 114 14.23 -0.61 2.13
N PHE A 115 12.90 -0.65 2.22
CA PHE A 115 12.21 -1.69 2.91
C PHE A 115 10.97 -2.18 2.12
N ASP A 116 10.39 -3.30 2.54
CA ASP A 116 9.34 -3.93 1.80
C ASP A 116 8.20 -2.97 1.65
N ASP A 117 7.57 -2.94 0.47
CA ASP A 117 6.29 -2.26 0.25
C ASP A 117 5.18 -2.99 1.04
N GLY A 118 5.21 -4.32 0.96
CA GLY A 118 4.26 -5.20 1.60
C GLY A 118 4.37 -6.58 0.97
N THR A 119 3.31 -7.35 1.05
CA THR A 119 3.30 -8.71 0.49
C THR A 119 3.68 -8.75 -1.00
N ILE A 120 3.46 -7.63 -1.72
CA ILE A 120 3.93 -7.53 -3.11
C ILE A 120 5.44 -7.77 -3.29
N ASN A 121 6.23 -7.64 -2.23
CA ASN A 121 7.65 -8.01 -2.33
C ASN A 121 7.84 -9.56 -2.51
N LEU A 122 6.79 -10.35 -2.30
CA LEU A 122 6.98 -11.79 -2.13
C LEU A 122 6.72 -12.55 -3.41
N ILE A 123 6.10 -11.87 -4.37
CA ILE A 123 5.96 -12.41 -5.72
C ILE A 123 7.31 -12.29 -6.43
N GLN A 124 7.90 -13.43 -6.73
CA GLN A 124 9.21 -13.45 -7.40
C GLN A 124 9.14 -13.18 -8.89
N SER A 125 10.16 -12.50 -9.38
CA SER A 125 10.28 -12.05 -10.78
C SER A 125 9.61 -12.94 -11.86
N SER A 126 9.95 -14.22 -11.84
CA SER A 126 9.46 -15.18 -12.79
C SER A 126 7.97 -15.40 -12.70
N SER A 127 7.39 -15.16 -11.54
CA SER A 127 5.96 -15.42 -11.38
C SER A 127 5.14 -14.55 -12.30
N TYR A 128 5.72 -13.39 -12.64
CA TYR A 128 5.04 -12.42 -13.48
C TYR A 128 5.16 -12.84 -14.91
N LEU A 129 5.82 -13.97 -15.15
CA LEU A 129 5.92 -14.51 -16.50
C LEU A 129 4.90 -15.63 -16.73
N GLY A 130 4.22 -16.08 -15.68
CA GLY A 130 3.20 -17.16 -15.74
C GLY A 130 2.09 -17.02 -16.78
N ASP A 131 1.45 -18.14 -17.13
CA ASP A 131 0.36 -18.09 -18.13
C ASP A 131 -0.76 -17.23 -17.59
N GLU A 132 -0.86 -17.20 -16.28
CA GLU A 132 -1.85 -16.43 -15.59
C GLU A 132 -1.74 -14.96 -15.99
N PHE A 133 -0.53 -14.54 -16.34
CA PHE A 133 -0.25 -13.15 -16.68
C PHE A 133 0.01 -12.88 -18.14
N SER A 134 -0.08 -13.90 -18.98
CA SER A 134 0.45 -13.81 -20.32
C SER A 134 -0.56 -13.74 -21.52
N VAL A 135 -1.85 -13.88 -21.26
CA VAL A 135 -2.89 -13.48 -22.26
C VAL A 135 -2.72 -11.97 -22.59
N ASN A 136 -3.41 -11.44 -23.61
CA ASN A 136 -3.07 -10.09 -24.04
C ASN A 136 -4.18 -9.04 -23.98
N GLY A 137 -3.82 -7.77 -23.79
CA GLY A 137 -4.80 -6.72 -23.48
C GLY A 137 -5.57 -6.91 -22.16
N THR A 138 -5.48 -8.11 -21.57
CA THR A 138 -6.04 -8.37 -20.23
C THR A 138 -5.47 -7.48 -19.14
N ILE A 139 -6.29 -7.29 -18.10
CA ILE A 139 -5.94 -6.58 -16.91
C ILE A 139 -4.79 -7.21 -16.12
N LYS A 140 -4.68 -8.54 -16.13
CA LYS A 140 -3.54 -9.20 -15.50
C LYS A 140 -2.21 -9.03 -16.25
N ARG A 141 -2.23 -9.06 -17.58
CA ARG A 141 -1.02 -8.73 -18.38
C ARG A 141 -0.49 -7.30 -18.07
N ASN A 142 -1.40 -6.32 -17.99
CA ASN A 142 -0.97 -4.94 -17.78
C ASN A 142 -0.31 -4.72 -16.42
N PHE A 143 -0.85 -5.40 -15.42
CA PHE A 143 -0.27 -5.44 -14.09
C PHE A 143 1.18 -6.00 -14.08
N ALA A 144 1.39 -7.10 -14.82
CA ALA A 144 2.65 -7.77 -14.82
C ALA A 144 3.63 -6.94 -15.60
N ARG A 145 3.19 -6.39 -16.71
CA ARG A 145 4.02 -5.50 -17.53
C ARG A 145 4.56 -4.37 -16.62
N MET A 146 3.66 -3.83 -15.80
CA MET A 146 3.93 -2.72 -14.93
C MET A 146 4.91 -3.07 -13.81
N MET A 147 4.61 -4.10 -13.02
CA MET A 147 5.48 -4.51 -11.96
C MET A 147 6.86 -4.87 -12.51
N ILE A 148 6.93 -5.58 -13.64
CA ILE A 148 8.24 -5.98 -14.20
C ILE A 148 9.08 -4.73 -14.42
N GLY A 149 8.47 -3.67 -14.97
CA GLY A 149 9.17 -2.45 -15.24
C GLY A 149 9.54 -1.72 -13.95
N ASP A 150 8.57 -1.61 -13.03
CA ASP A 150 8.82 -0.92 -11.77
C ASP A 150 9.92 -1.62 -10.97
N TRP A 151 9.88 -2.94 -10.87
CA TRP A 151 10.94 -3.63 -10.12
C TRP A 151 12.30 -3.47 -10.75
N SER A 152 12.32 -3.47 -12.07
CA SER A 152 13.53 -3.24 -12.77
C SER A 152 14.15 -1.91 -12.32
N ILE A 153 13.38 -0.83 -12.37
CA ILE A 153 13.97 0.44 -12.02
C ILE A 153 14.32 0.51 -10.51
N ALA A 154 13.46 -0.06 -9.65
CA ALA A 154 13.78 -0.11 -8.19
C ALA A 154 15.08 -0.84 -7.94
N LYS A 155 15.42 -1.79 -8.80
CA LYS A 155 16.61 -2.58 -8.54
C LYS A 155 17.84 -2.00 -9.19
N THR A 156 17.66 -1.24 -10.25
CA THR A 156 18.81 -0.90 -11.08
C THR A 156 19.14 0.61 -11.17
N ARG A 157 18.31 1.49 -10.62
CA ARG A 157 18.52 2.92 -10.91
C ARG A 157 19.04 3.86 -9.84
N ASN A 158 18.86 3.59 -8.57
CA ASN A 158 19.51 4.51 -7.68
C ASN A 158 20.13 3.66 -6.63
N ALA A 159 21.29 3.10 -6.98
CA ALA A 159 21.92 2.12 -6.12
C ALA A 159 21.63 2.37 -4.61
N SER A 160 20.99 1.36 -4.03
CA SER A 160 20.76 1.29 -2.61
C SER A 160 21.33 -0.05 -2.20
N ASP A 161 22.02 -0.05 -1.06
CA ASP A 161 22.93 -1.11 -0.72
C ASP A 161 22.38 -2.10 0.29
N GLU A 162 21.10 -1.98 0.64
CA GLU A 162 20.47 -2.81 1.70
C GLU A 162 18.99 -2.72 1.56
N HIS A 163 18.33 -3.85 1.73
CA HIS A 163 16.87 -3.92 1.76
C HIS A 163 16.36 -4.59 3.02
N TYR A 164 15.51 -3.87 3.77
CA TYR A 164 14.80 -4.46 4.92
C TYR A 164 13.53 -5.21 4.56
N THR A 165 13.47 -6.50 4.93
CA THR A 165 12.26 -7.29 4.81
C THR A 165 11.66 -7.67 6.17
N ILE A 166 10.34 -7.71 6.25
CA ILE A 166 9.65 -8.05 7.49
C ILE A 166 9.22 -9.53 7.50
N PHE A 167 9.45 -10.22 6.41
CA PHE A 167 9.03 -11.60 6.27
C PHE A 167 10.23 -12.54 6.37
N LYS A 168 10.27 -13.31 7.47
CA LYS A 168 11.32 -14.33 7.73
C LYS A 168 11.12 -15.54 6.82
N GLY A 169 12.15 -15.94 6.11
CA GLY A 169 12.05 -17.13 5.29
C GLY A 169 11.16 -17.16 4.04
N LEU A 170 10.89 -16.02 3.43
CA LEU A 170 10.27 -16.08 2.11
C LEU A 170 11.07 -15.22 1.16
N LYS A 171 11.40 -15.74 -0.02
CA LYS A 171 12.32 -15.04 -0.91
C LYS A 171 11.77 -13.67 -1.37
N ASN A 172 12.63 -12.67 -1.32
CA ASN A 172 12.16 -11.36 -1.64
C ASN A 172 12.54 -11.06 -3.07
N ILE A 173 11.66 -10.37 -3.79
CA ILE A 173 11.91 -9.83 -5.13
C ILE A 173 13.17 -8.97 -5.22
N MET A 174 13.46 -8.23 -4.15
CA MET A 174 14.65 -7.37 -4.08
C MET A 174 15.95 -8.13 -3.76
N ASP A 175 15.85 -9.43 -3.52
CA ASP A 175 17.01 -10.24 -3.22
C ASP A 175 17.66 -10.60 -4.52
N ASP A 176 18.43 -9.68 -5.06
CA ASP A 176 18.86 -9.80 -6.42
C ASP A 176 20.38 -9.87 -6.55
N GLY A 177 21.08 -10.14 -5.44
CA GLY A 177 22.55 -10.09 -5.39
C GLY A 177 23.19 -8.69 -5.34
N ARG A 178 22.39 -7.65 -5.61
CA ARG A 178 22.90 -6.28 -5.75
C ARG A 178 22.81 -5.49 -4.43
N ARG A 179 22.44 -6.16 -3.34
CA ARG A 179 22.14 -5.50 -2.08
C ARG A 179 22.09 -6.46 -0.89
N LYS A 180 22.39 -5.95 0.30
CA LYS A 180 22.16 -6.74 1.51
C LYS A 180 20.68 -6.91 1.94
N MET A 181 20.25 -8.15 2.15
CA MET A 181 18.92 -8.40 2.73
C MET A 181 19.05 -8.45 4.22
N THR A 182 18.26 -7.64 4.90
CA THR A 182 18.18 -7.67 6.36
C THR A 182 16.74 -7.99 6.82
N TYR A 183 16.62 -8.98 7.70
CA TYR A 183 15.34 -9.23 8.33
C TYR A 183 15.10 -8.23 9.48
N LEU A 184 13.99 -7.50 9.44
CA LEU A 184 13.62 -6.57 10.50
C LEU A 184 12.24 -6.98 11.01
N PRO A 185 12.20 -7.71 12.13
CA PRO A 185 10.91 -8.16 12.66
C PRO A 185 10.13 -7.03 13.40
N LEU A 186 8.88 -6.77 12.99
CA LEU A 186 8.11 -5.64 13.50
C LEU A 186 7.48 -5.86 14.84
N PHE A 187 7.42 -7.12 15.23
CA PHE A 187 6.50 -7.59 16.26
C PHE A 187 7.21 -8.44 17.30
N ASP A 188 7.12 -8.04 18.56
CA ASP A 188 7.78 -8.73 19.67
C ASP A 188 6.83 -9.68 20.40
N ALA A 189 6.99 -10.97 20.11
CA ALA A 189 6.18 -12.02 20.75
C ALA A 189 6.69 -12.46 22.13
N SER A 190 7.98 -12.28 22.38
CA SER A 190 8.51 -12.45 23.75
C SER A 190 7.91 -11.42 24.73
N GLU A 191 8.11 -11.65 26.03
CA GLU A 191 7.58 -10.76 27.09
C GLU A 191 6.05 -10.76 27.11
N LEU A 192 5.50 -11.72 26.39
CA LEU A 192 4.06 -11.85 26.25
C LEU A 192 3.60 -12.82 27.30
N LYS A 193 4.45 -13.80 27.61
CA LYS A 193 4.17 -14.80 28.64
C LYS A 193 2.93 -15.65 28.33
N ALA A 194 2.86 -16.14 27.09
CA ALA A 194 1.74 -16.98 26.65
C ALA A 194 1.88 -18.45 27.10
N GLY A 195 0.87 -18.97 27.78
CA GLY A 195 0.94 -20.33 28.28
C GLY A 195 0.01 -21.27 27.55
N ASP A 196 -0.32 -22.38 28.20
CA ASP A 196 -1.23 -23.37 27.67
C ASP A 196 -2.60 -22.74 27.50
N GLU A 197 -3.27 -23.18 26.44
CA GLU A 197 -4.53 -22.59 26.04
C GLU A 197 -5.62 -23.30 26.77
N THR A 198 -6.05 -22.68 27.86
CA THR A 198 -7.23 -23.15 28.55
C THR A 198 -8.24 -22.01 28.41
N GLY A 199 -9.11 -21.81 29.40
CA GLY A 199 -10.04 -20.66 29.36
C GLY A 199 -10.43 -20.02 28.01
N GLY A 200 -10.70 -20.85 27.00
CA GLY A 200 -11.53 -20.43 25.89
C GLY A 200 -10.88 -19.97 24.60
N THR A 201 -11.73 -19.83 23.59
CA THR A 201 -11.36 -19.59 22.20
C THR A 201 -12.01 -18.31 21.74
N VAL A 202 -11.21 -17.33 21.33
CA VAL A 202 -11.77 -16.13 20.72
C VAL A 202 -11.56 -16.19 19.21
N ARG A 203 -12.67 -16.05 18.46
CA ARG A 203 -12.66 -16.07 17.01
C ARG A 203 -12.86 -14.69 16.36
N ILE A 204 -11.94 -14.34 15.46
CA ILE A 204 -11.96 -13.05 14.77
C ILE A 204 -11.78 -13.20 13.27
N LEU A 205 -12.67 -12.59 12.51
CA LEU A 205 -12.57 -12.53 11.08
C LEU A 205 -11.88 -11.22 10.73
N LEU A 206 -10.90 -11.29 9.84
CA LEU A 206 -10.32 -10.07 9.30
C LEU A 206 -11.23 -9.57 8.19
N GLY A 207 -11.60 -8.31 8.29
CA GLY A 207 -12.46 -7.68 7.28
C GLY A 207 -11.73 -7.51 5.95
N SER A 208 -12.49 -7.58 4.87
CA SER A 208 -12.02 -7.28 3.53
C SER A 208 -12.27 -5.82 3.18
N PRO A 209 -11.33 -5.18 2.46
CA PRO A 209 -11.64 -3.85 1.97
C PRO A 209 -12.65 -3.87 0.82
N ASP A 210 -12.79 -4.98 0.09
CA ASP A 210 -13.76 -5.03 -1.02
C ASP A 210 -15.17 -5.03 -0.47
N LYS A 211 -15.85 -3.90 -0.67
CA LYS A 211 -17.23 -3.74 -0.26
C LYS A 211 -18.02 -4.91 -0.78
N GLU A 212 -17.51 -5.60 -1.79
CA GLU A 212 -18.25 -6.73 -2.35
C GLU A 212 -18.12 -8.11 -1.63
N MET A 213 -17.32 -8.17 -0.56
CA MET A 213 -17.14 -9.38 0.25
C MET A 213 -18.02 -9.33 1.52
N LYS A 214 -18.96 -8.39 1.56
CA LYS A 214 -19.79 -8.14 2.72
C LYS A 214 -20.64 -9.35 3.04
N GLU A 215 -21.18 -9.96 1.99
CA GLU A 215 -22.12 -11.04 2.21
C GLU A 215 -21.35 -12.36 2.38
N ILE A 216 -20.27 -12.55 1.65
CA ILE A 216 -19.40 -13.68 1.92
C ILE A 216 -18.91 -13.65 3.38
N SER A 217 -18.49 -12.46 3.84
CA SER A 217 -17.96 -12.25 5.17
C SER A 217 -18.98 -12.59 6.22
N GLU A 218 -20.21 -12.10 6.04
CA GLU A 218 -21.27 -12.30 7.03
C GLU A 218 -21.58 -13.78 7.17
N LYS A 219 -21.53 -14.47 6.03
CA LYS A 219 -21.75 -15.92 6.00
C LYS A 219 -20.61 -16.68 6.68
N ALA A 220 -19.37 -16.24 6.43
CA ALA A 220 -18.21 -16.81 7.08
C ALA A 220 -18.36 -16.73 8.57
N ALA A 221 -18.74 -15.55 9.06
CA ALA A 221 -18.93 -15.32 10.50
C ALA A 221 -19.95 -16.29 11.06
N LYS A 222 -21.02 -16.52 10.31
CA LYS A 222 -22.08 -17.43 10.73
C LYS A 222 -21.66 -18.88 10.65
N ASN A 223 -21.05 -19.26 9.52
CA ASN A 223 -20.62 -20.65 9.28
C ASN A 223 -19.65 -21.19 10.30
N PHE A 224 -18.64 -20.39 10.64
CA PHE A 224 -17.55 -20.83 11.48
C PHE A 224 -17.78 -20.33 12.88
N ASN A 225 -18.92 -19.68 13.10
CA ASN A 225 -19.29 -19.19 14.43
C ASN A 225 -18.29 -18.15 15.00
N ILE A 226 -17.86 -17.23 14.15
CA ILE A 226 -16.98 -16.16 14.56
C ILE A 226 -17.78 -14.96 15.15
N GLN A 227 -17.45 -14.53 16.36
CA GLN A 227 -18.19 -13.43 16.94
C GLN A 227 -17.73 -12.03 16.53
N TYR A 228 -16.44 -11.85 16.24
CA TYR A 228 -15.84 -10.52 16.04
C TYR A 228 -15.29 -10.34 14.67
N VAL A 229 -15.46 -9.14 14.10
CA VAL A 229 -14.69 -8.78 12.91
C VAL A 229 -13.68 -7.70 13.22
N ALA A 230 -12.44 -7.90 12.76
CA ALA A 230 -11.42 -6.83 12.77
C ALA A 230 -11.45 -6.16 11.42
N PRO A 231 -11.91 -4.91 11.36
CA PRO A 231 -12.05 -4.30 10.05
C PRO A 231 -10.71 -3.90 9.40
N HIS A 232 -10.62 -4.01 8.07
CA HIS A 232 -9.41 -3.60 7.36
C HIS A 232 -9.18 -2.07 7.47
N PRO A 233 -7.91 -1.61 7.54
CA PRO A 233 -7.76 -0.14 7.60
C PRO A 233 -8.22 0.55 6.32
N ARG A 234 -8.14 -0.16 5.19
CA ARG A 234 -8.65 0.38 3.91
C ARG A 234 -10.16 0.17 3.79
N GLN A 235 -10.77 -0.50 4.79
CA GLN A 235 -12.18 -0.92 4.79
C GLN A 235 -13.07 0.19 5.23
N THR A 236 -14.28 0.21 4.70
CA THR A 236 -15.10 1.39 4.68
C THR A 236 -16.59 1.13 5.00
N TYR A 237 -17.01 -0.13 4.97
CA TYR A 237 -18.40 -0.52 5.24
C TYR A 237 -18.45 -1.47 6.45
N GLY A 238 -19.66 -1.85 6.85
CA GLY A 238 -19.81 -2.66 8.03
C GLY A 238 -20.44 -3.99 7.76
N LEU A 239 -20.25 -4.92 8.69
CA LEU A 239 -20.91 -6.21 8.66
C LEU A 239 -22.10 -6.23 9.65
N SER A 240 -23.16 -6.94 9.28
CA SER A 240 -24.30 -7.12 10.17
C SER A 240 -24.13 -8.43 10.92
N GLY A 241 -24.61 -8.48 12.16
CA GLY A 241 -24.60 -9.73 12.94
C GLY A 241 -23.21 -10.17 13.40
N VAL A 242 -22.24 -9.26 13.29
CA VAL A 242 -20.92 -9.56 13.78
C VAL A 242 -20.48 -8.34 14.54
N THR A 243 -20.03 -8.53 15.77
CA THR A 243 -19.51 -7.43 16.57
C THR A 243 -18.23 -6.92 15.94
N THR A 244 -18.23 -5.68 15.45
CA THR A 244 -16.99 -5.08 14.93
C THR A 244 -16.08 -4.64 16.08
N LEU A 245 -14.78 -4.94 15.97
CA LEU A 245 -13.81 -4.49 16.96
C LEU A 245 -13.26 -3.14 16.54
N ASN A 246 -13.69 -2.11 17.23
CA ASN A 246 -13.19 -0.75 17.01
C ASN A 246 -11.92 -0.48 17.82
N SER A 247 -10.84 -0.14 17.12
CA SER A 247 -9.56 0.08 17.77
C SER A 247 -8.66 0.90 16.84
N PRO A 248 -7.78 1.74 17.41
CA PRO A 248 -6.77 2.37 16.60
C PRO A 248 -5.64 1.38 16.15
N TYR A 249 -5.47 0.25 16.83
CA TYR A 249 -4.40 -0.68 16.38
C TYR A 249 -4.71 -1.46 15.09
N VAL A 250 -3.66 -1.79 14.37
CA VAL A 250 -3.79 -2.78 13.34
C VAL A 250 -3.89 -4.14 14.04
N ILE A 251 -4.34 -5.15 13.29
CA ILE A 251 -4.64 -6.40 13.91
C ILE A 251 -3.49 -6.99 14.71
N GLU A 252 -2.30 -7.06 14.13
CA GLU A 252 -1.17 -7.66 14.83
C GLU A 252 -0.96 -7.00 16.19
N ASP A 253 -0.94 -5.67 16.23
CA ASP A 253 -0.73 -5.00 17.49
C ASP A 253 -1.80 -5.34 18.51
N TYR A 254 -3.06 -5.25 18.08
CA TYR A 254 -4.18 -5.53 18.91
C TYR A 254 -4.06 -6.96 19.45
N ILE A 255 -3.71 -7.92 18.60
CA ILE A 255 -3.62 -9.28 19.09
C ILE A 255 -2.50 -9.45 20.12
N LEU A 256 -1.35 -8.80 19.88
CA LEU A 256 -0.26 -8.82 20.87
C LEU A 256 -0.73 -8.28 22.22
N ARG A 257 -1.43 -7.16 22.23
CA ARG A 257 -1.95 -6.69 23.49
C ARG A 257 -2.91 -7.71 24.17
N GLU A 258 -3.77 -8.35 23.38
CA GLU A 258 -4.71 -9.31 23.95
C GLU A 258 -4.01 -10.52 24.55
N ILE A 259 -2.99 -11.04 23.88
CA ILE A 259 -2.27 -12.19 24.42
C ILE A 259 -1.60 -11.85 25.76
N LYS A 260 -0.94 -10.70 25.84
CA LYS A 260 -0.40 -10.24 27.13
C LYS A 260 -1.48 -10.34 28.19
N LYS A 261 -2.60 -9.68 27.94
CA LYS A 261 -3.73 -9.63 28.87
C LYS A 261 -4.42 -10.96 29.07
N ASN A 262 -4.45 -11.83 28.07
CA ASN A 262 -5.20 -13.08 28.16
C ASN A 262 -4.39 -14.32 27.79
N PRO A 263 -3.29 -14.58 28.51
CA PRO A 263 -2.24 -15.57 28.12
C PRO A 263 -2.65 -17.02 28.05
N HIS A 264 -3.91 -17.34 28.36
CA HIS A 264 -4.35 -18.72 28.23
C HIS A 264 -5.40 -18.92 27.16
N THR A 265 -5.78 -17.84 26.47
CA THR A 265 -6.85 -17.83 25.47
C THR A 265 -6.40 -18.23 24.08
N ARG A 266 -7.15 -19.13 23.45
CA ARG A 266 -6.88 -19.51 22.07
C ARG A 266 -7.40 -18.46 21.10
N TYR A 267 -6.53 -17.95 20.24
CA TYR A 267 -6.94 -16.96 19.25
C TYR A 267 -7.02 -17.55 17.85
N GLU A 268 -8.22 -17.49 17.27
CA GLU A 268 -8.39 -17.98 15.92
C GLU A 268 -8.67 -16.83 14.98
N ILE A 269 -7.83 -16.68 13.96
CA ILE A 269 -7.93 -15.56 13.07
C ILE A 269 -8.32 -16.06 11.72
N TYR A 270 -9.48 -15.68 11.22
CA TYR A 270 -9.91 -16.14 9.89
C TYR A 270 -9.74 -15.06 8.84
N THR A 271 -9.20 -15.40 7.69
CA THR A 271 -8.93 -14.35 6.71
C THR A 271 -9.00 -14.80 5.27
N PHE A 272 -9.63 -13.97 4.43
CA PHE A 272 -9.54 -14.16 2.97
C PHE A 272 -8.17 -13.68 2.52
N PHE A 273 -7.14 -14.43 2.88
CA PHE A 273 -5.83 -14.24 2.30
C PHE A 273 -5.28 -12.82 2.51
N SER A 274 -5.49 -12.24 3.69
CA SER A 274 -4.80 -11.00 4.02
C SER A 274 -3.35 -11.19 4.44
N GLY A 275 -2.49 -10.28 3.98
CA GLY A 275 -1.09 -10.26 4.39
C GLY A 275 -0.83 -10.50 5.89
N ALA A 276 -1.83 -10.18 6.71
CA ALA A 276 -1.74 -10.28 8.15
C ALA A 276 -1.46 -11.71 8.58
N ALA A 277 -1.97 -12.66 7.81
CA ALA A 277 -1.77 -14.04 8.11
C ALA A 277 -0.27 -14.31 8.06
N LEU A 278 0.42 -13.64 7.14
CA LEU A 278 1.85 -13.86 7.02
C LEU A 278 2.65 -13.24 8.16
N THR A 279 2.22 -12.09 8.67
CA THR A 279 3.00 -11.48 9.74
C THR A 279 2.69 -12.10 11.09
N MET A 280 1.61 -12.87 11.13
CA MET A 280 1.02 -13.34 12.38
C MET A 280 1.20 -14.84 12.64
N LYS A 281 1.56 -15.63 11.62
CA LYS A 281 1.60 -17.10 11.75
C LYS A 281 2.23 -17.55 13.04
N ASP A 282 3.44 -17.06 13.33
CA ASP A 282 4.16 -17.55 14.50
C ASP A 282 3.82 -16.93 15.87
N PHE A 283 2.86 -16.03 15.93
CA PHE A 283 2.42 -15.51 17.22
C PHE A 283 1.99 -16.65 18.18
N PRO A 284 2.38 -16.56 19.47
CA PRO A 284 1.96 -17.64 20.37
C PRO A 284 0.46 -17.60 20.54
N ASN A 285 -0.17 -18.76 20.65
CA ASN A 285 -1.64 -18.87 20.86
C ASN A 285 -2.54 -18.29 19.78
N VAL A 286 -1.97 -18.07 18.60
CA VAL A 286 -2.72 -17.56 17.46
C VAL A 286 -2.72 -18.64 16.38
N HIS A 287 -3.89 -18.90 15.80
CA HIS A 287 -4.07 -19.91 14.78
C HIS A 287 -4.86 -19.24 13.67
N VAL A 288 -4.23 -19.22 12.49
CA VAL A 288 -4.67 -18.47 11.33
C VAL A 288 -5.24 -19.39 10.28
N TYR A 289 -6.33 -18.97 9.64
CA TYR A 289 -7.00 -19.75 8.59
C TYR A 289 -7.33 -18.93 7.32
N ALA A 290 -6.93 -19.43 6.18
CA ALA A 290 -7.29 -18.72 4.97
C ALA A 290 -8.64 -19.23 4.52
N LEU A 291 -9.56 -18.32 4.20
CA LEU A 291 -10.86 -18.71 3.68
C LEU A 291 -11.01 -18.55 2.18
N LYS A 292 -11.25 -19.63 1.45
CA LYS A 292 -11.38 -19.58 -0.03
C LYS A 292 -12.83 -19.81 -0.47
N PRO A 293 -13.61 -18.74 -0.62
CA PRO A 293 -15.04 -18.87 -0.97
C PRO A 293 -15.27 -19.49 -2.35
N ALA A 294 -16.03 -20.58 -2.37
CA ALA A 294 -16.26 -21.37 -3.56
C ALA A 294 -17.00 -20.57 -4.61
N SER A 295 -17.75 -19.55 -4.18
CA SER A 295 -18.55 -18.83 -5.16
C SER A 295 -17.78 -17.76 -5.93
N LEU A 296 -16.58 -17.41 -5.47
CA LEU A 296 -15.72 -16.52 -6.25
C LEU A 296 -15.01 -17.33 -7.32
N PRO A 297 -14.51 -16.68 -8.40
CA PRO A 297 -13.70 -17.43 -9.39
C PRO A 297 -12.42 -18.02 -8.77
N GLU A 298 -11.76 -18.96 -9.43
CA GLU A 298 -10.47 -19.48 -8.93
C GLU A 298 -9.40 -18.39 -9.09
N ASP A 299 -9.50 -17.63 -10.18
CA ASP A 299 -8.47 -16.64 -10.48
C ASP A 299 -8.68 -15.29 -9.76
N TYR A 300 -9.55 -15.28 -8.75
CA TYR A 300 -9.82 -14.07 -7.97
C TYR A 300 -8.58 -13.70 -7.12
N TRP A 301 -7.80 -14.70 -6.70
CA TRP A 301 -6.50 -14.46 -6.09
C TRP A 301 -5.47 -14.99 -7.04
N LEU A 302 -4.32 -14.34 -7.10
CA LEU A 302 -3.28 -14.76 -8.01
C LEU A 302 -2.60 -16.05 -7.52
N LYS A 303 -2.35 -16.98 -8.45
CA LYS A 303 -1.65 -18.22 -8.07
C LYS A 303 -0.57 -18.07 -6.97
N PRO A 304 0.31 -17.03 -7.06
CA PRO A 304 1.36 -16.85 -6.03
C PRO A 304 0.84 -16.69 -4.59
N VAL A 305 -0.36 -16.14 -4.42
CA VAL A 305 -1.00 -16.08 -3.09
C VAL A 305 -1.14 -17.46 -2.42
N TYR A 306 -1.76 -18.40 -3.14
CA TYR A 306 -1.97 -19.76 -2.65
C TYR A 306 -0.64 -20.41 -2.28
N ALA A 307 0.35 -20.25 -3.15
CA ALA A 307 1.68 -20.82 -2.99
C ALA A 307 2.32 -20.25 -1.75
N LEU A 308 2.21 -18.94 -1.61
CA LEU A 308 2.83 -18.29 -0.49
C LEU A 308 2.20 -18.78 0.79
N PHE A 309 0.87 -18.85 0.83
CA PHE A 309 0.20 -19.29 2.04
C PHE A 309 0.57 -20.71 2.47
N THR A 310 0.59 -21.68 1.55
CA THR A 310 0.87 -23.04 1.96
C THR A 310 2.34 -23.17 2.21
N GLN A 311 3.14 -22.50 1.38
CA GLN A 311 4.56 -22.40 1.70
C GLN A 311 4.72 -21.92 3.17
N SER A 312 3.98 -20.89 3.59
CA SER A 312 3.99 -20.38 4.98
C SER A 312 3.32 -21.23 6.04
N GLY A 313 2.75 -22.37 5.65
CA GLY A 313 2.11 -23.25 6.63
C GLY A 313 0.71 -22.86 7.06
N ILE A 314 0.04 -22.00 6.30
CA ILE A 314 -1.31 -21.62 6.70
C ILE A 314 -2.37 -22.45 6.02
N PRO A 315 -3.32 -23.03 6.81
CA PRO A 315 -4.40 -23.82 6.24
C PRO A 315 -5.22 -23.00 5.29
N ILE A 316 -5.50 -23.53 4.10
CA ILE A 316 -6.48 -22.92 3.20
C ILE A 316 -7.80 -23.71 3.23
N LEU A 317 -8.83 -23.16 3.88
CA LEU A 317 -10.09 -23.88 3.98
C LEU A 317 -11.02 -23.52 2.86
N THR A 318 -11.47 -24.52 2.11
CA THR A 318 -12.60 -24.33 1.17
C THR A 318 -13.88 -24.06 1.95
N PHE A 319 -14.58 -23.01 1.56
CA PHE A 319 -15.76 -22.56 2.28
C PHE A 319 -16.93 -22.48 1.29
N ASP A 320 -17.98 -23.28 1.52
CA ASP A 320 -19.09 -23.35 0.58
C ASP A 320 -20.16 -22.34 0.93
N ASP A 321 -19.82 -21.05 0.73
CA ASP A 321 -20.69 -19.94 1.11
C ASP A 321 -22.12 -20.06 0.59
N LYS A 322 -22.28 -20.73 -0.54
CA LYS A 322 -23.61 -20.84 -1.11
C LYS A 322 -24.52 -21.75 -0.27
N LEU A 323 -23.93 -22.66 0.50
CA LEU A 323 -24.68 -23.49 1.43
C LEU A 323 -25.05 -22.81 2.79
N VAL A 324 -24.75 -21.53 2.94
CA VAL A 324 -25.02 -20.77 4.18
C VAL A 324 -26.17 -19.78 3.89
N PRO A 325 -27.29 -19.84 4.68
CA PRO A 325 -28.53 -19.00 4.46
C PRO A 325 -28.31 -17.49 4.20
#